data_4WX0
#
_entry.id   4WX0
#
_cell.length_a   67.410
_cell.length_b   73.990
_cell.length_c   142.510
_cell.angle_alpha   90.00
_cell.angle_beta   90.00
_cell.angle_gamma   90.00
#
_symmetry.space_group_name_H-M   'P 2 2 21'
#
loop_
_entity.id
_entity.type
_entity.pdbx_description
1 polymer 'TENA/THI-4 family protein'
2 non-polymer 'FE (III) ION'
3 non-polymer '(3R)-3-HYDROXYDODECANOIC ACID'
4 non-polymer 'PEROXIDE ION'
5 non-polymer 'SULFATE ION'
6 water water
#
_entity_poly.entity_id   1
_entity_poly.type   'polypeptide(L)'
_entity_poly.pdbx_seq_one_letter_code
;GPMIDTFSRTGPLMEAASYPAWTQQLIQDCSESKRRVVEHELYQRMRDNKLSAKVMRQYLIGGWPVVEQFALYMAQNLTK
TRFARHPGEDMARRWLMRNIRVELNHADYWVHWSRAHGVTLEDLQAQQVPPELHALSHWCWHTSSADSLIVAIAATNYAI
EGATGEWSALVCSNGIYAAAFPEEDRKRAMKWLKMHAQYDDAHPWEALEIIVTLAGLNPTKALQAELRQAICKSYDYMYL
FLERCMQQEKTAVTRERLALAEG
;
_entity_poly.pdbx_strand_id   A,B
#
loop_
_chem_comp.id
_chem_comp.type
_chem_comp.name
_chem_comp.formula
FE non-polymer 'FE (III) ION' 'Fe 3'
HXD non-polymer '(3R)-3-HYDROXYDODECANOIC ACID' 'C12 H24 O3'
PER non-polymer 'PEROXIDE ION' 'O2 -2'
SO4 non-polymer 'SULFATE ION' 'O4 S -2'
#
# COMPACT_ATOMS: atom_id res chain seq x y z
N ILE A 4 -32.54 20.48 -2.57
CA ILE A 4 -31.69 19.87 -3.65
C ILE A 4 -30.30 19.54 -3.10
N ASP A 5 -29.95 20.10 -1.93
CA ASP A 5 -28.69 19.83 -1.24
C ASP A 5 -27.45 20.33 -2.01
N THR A 6 -27.66 21.30 -2.93
CA THR A 6 -26.61 21.81 -3.83
C THR A 6 -25.68 22.80 -3.11
N PHE A 7 -24.36 22.64 -3.26
CA PHE A 7 -23.43 23.55 -2.63
C PHE A 7 -22.84 24.53 -3.61
N SER A 8 -22.77 25.79 -3.19
CA SER A 8 -22.15 26.84 -3.97
C SER A 8 -21.44 27.72 -2.97
N ARG A 9 -20.15 27.91 -3.17
CA ARG A 9 -19.35 28.69 -2.26
C ARG A 9 -19.66 30.19 -2.39
N THR A 10 -19.79 30.83 -1.24
CA THR A 10 -19.97 32.27 -1.09
C THR A 10 -18.70 32.97 -0.59
N GLY A 11 -18.07 32.39 0.43
CA GLY A 11 -16.90 32.99 1.07
C GLY A 11 -15.61 32.69 0.34
N PRO A 12 -14.48 33.23 0.83
CA PRO A 12 -13.19 32.99 0.19
C PRO A 12 -12.84 31.50 0.04
N LEU A 13 -12.19 31.17 -1.06
CA LEU A 13 -11.80 29.81 -1.38
C LEU A 13 -11.03 29.12 -0.26
N MET A 14 -10.09 29.85 0.33
CA MET A 14 -9.09 29.28 1.20
C MET A 14 -9.40 29.45 2.69
N GLU A 15 -10.67 29.40 3.04
CA GLU A 15 -11.11 29.48 4.45
C GLU A 15 -12.10 28.36 4.73
N ALA A 16 -11.85 27.58 5.78
CA ALA A 16 -12.75 26.49 6.17
C ALA A 16 -14.19 26.97 6.36
N ALA A 17 -14.36 28.20 6.83
CA ALA A 17 -15.71 28.73 7.11
C ALA A 17 -16.58 28.89 5.86
N SER A 18 -15.95 28.84 4.69
CA SER A 18 -16.69 28.94 3.42
C SER A 18 -17.40 27.65 3.04
N TYR A 19 -17.18 26.59 3.82
CA TYR A 19 -17.70 25.26 3.49
C TYR A 19 -18.66 24.80 4.56
N PRO A 20 -19.45 23.76 4.26
CA PRO A 20 -20.45 23.34 5.22
C PRO A 20 -19.86 22.83 6.53
N ALA A 21 -20.71 22.75 7.54
CA ALA A 21 -20.31 22.21 8.86
C ALA A 21 -19.65 20.82 8.72
N TRP A 22 -20.22 19.94 7.90
CA TRP A 22 -19.67 18.58 7.77
C TRP A 22 -18.22 18.59 7.25
N THR A 23 -17.91 19.57 6.41
CA THR A 23 -16.60 19.71 5.80
C THR A 23 -15.63 20.24 6.84
N GLN A 24 -16.10 21.19 7.61
CA GLN A 24 -15.35 21.72 8.73
C GLN A 24 -15.07 20.62 9.76
N GLN A 25 -16.05 19.77 10.03
CA GLN A 25 -15.88 18.59 10.88
C GLN A 25 -14.82 17.63 10.32
N LEU A 26 -14.92 17.37 9.01
CA LEU A 26 -13.95 16.53 8.32
C LEU A 26 -12.51 17.06 8.51
N ILE A 27 -12.30 18.34 8.28
CA ILE A 27 -11.00 18.99 8.51
C ILE A 27 -10.55 18.78 9.96
N GLN A 28 -11.45 19.03 10.92
CA GLN A 28 -11.14 18.81 12.34
C GLN A 28 -10.77 17.33 12.61
N ASP A 29 -11.57 16.39 12.09
CA ASP A 29 -11.32 14.97 12.33
C ASP A 29 -9.97 14.49 11.76
N CYS A 30 -9.50 15.14 10.70
CA CYS A 30 -8.25 14.73 10.03
C CYS A 30 -7.03 15.54 10.53
N SER A 31 -7.25 16.48 11.45
CA SER A 31 -6.26 17.52 11.78
C SER A 31 -5.03 16.96 12.49
N GLU A 32 -5.21 16.02 13.41
CA GLU A 32 -4.04 15.44 14.09
C GLU A 32 -3.24 14.58 13.12
N SER A 33 -3.93 13.81 12.27
CA SER A 33 -3.25 12.98 11.25
C SER A 33 -2.40 13.86 10.33
N LYS A 34 -2.96 14.99 9.92
CA LYS A 34 -2.25 15.95 9.12
C LYS A 34 -1.06 16.57 9.86
N ARG A 35 -1.29 16.95 11.11
CA ARG A 35 -0.29 17.72 11.86
C ARG A 35 1.00 16.91 12.02
N ARG A 36 0.87 15.62 12.30
CA ARG A 36 2.05 14.85 12.58
C ARG A 36 2.92 14.62 11.35
N VAL A 37 2.35 14.81 10.16
CA VAL A 37 3.10 14.82 8.92
C VAL A 37 3.73 16.20 8.66
N VAL A 38 2.92 17.26 8.68
CA VAL A 38 3.38 18.58 8.26
C VAL A 38 4.33 19.26 9.23
N GLU A 39 4.35 18.79 10.47
CA GLU A 39 5.27 19.26 11.49
C GLU A 39 6.31 18.19 11.86
N HIS A 40 6.53 17.20 11.00
CA HIS A 40 7.34 16.05 11.35
C HIS A 40 8.78 16.49 11.60
N GLU A 41 9.40 15.84 12.58
CA GLU A 41 10.83 16.06 12.88
C GLU A 41 11.72 15.94 11.63
N LEU A 42 11.39 15.04 10.74
CA LEU A 42 12.20 14.83 9.53
C LEU A 42 12.27 16.13 8.74
N TYR A 43 11.15 16.83 8.64
CA TYR A 43 11.13 18.11 7.90
C TYR A 43 11.82 19.27 8.64
N GLN A 44 11.71 19.29 9.97
CA GLN A 44 12.48 20.23 10.76
C GLN A 44 13.96 20.04 10.53
N ARG A 45 14.39 18.79 10.52
CA ARG A 45 15.80 18.48 10.24
C ARG A 45 16.21 18.82 8.81
N MET A 46 15.33 18.54 7.84
CA MET A 46 15.67 18.81 6.45
C MET A 46 15.84 20.34 6.23
N ARG A 47 14.94 21.10 6.84
CA ARG A 47 14.94 22.56 6.86
C ARG A 47 16.30 23.11 7.27
N ASP A 48 16.87 22.41 8.27
CA ASP A 48 18.13 22.81 8.89
C ASP A 48 19.35 22.14 8.25
N ASN A 49 19.17 21.46 7.13
CA ASN A 49 20.22 20.72 6.42
C ASN A 49 20.87 19.59 7.25
N LYS A 50 20.14 19.08 8.22
CA LYS A 50 20.71 18.08 9.17
C LYS A 50 20.65 16.65 8.70
N LEU A 51 19.84 16.34 7.68
CA LEU A 51 19.59 14.94 7.40
C LEU A 51 20.85 14.22 6.83
N SER A 52 21.02 12.98 7.27
CA SER A 52 22.11 12.16 6.81
C SER A 52 22.00 11.93 5.28
N ALA A 53 23.12 11.66 4.64
CA ALA A 53 23.12 11.30 3.24
C ALA A 53 22.24 10.07 3.02
N LYS A 54 22.30 9.10 3.94
CA LYS A 54 21.54 7.87 3.78
C LYS A 54 20.04 8.19 3.70
N VAL A 55 19.59 9.03 4.60
CA VAL A 55 18.15 9.34 4.72
C VAL A 55 17.65 10.28 3.63
N MET A 56 18.46 11.25 3.26
CA MET A 56 18.14 12.10 2.18
C MET A 56 17.94 11.27 0.89
N ARG A 57 18.83 10.32 0.66
CA ARG A 57 18.75 9.45 -0.48
C ARG A 57 17.47 8.57 -0.42
N GLN A 58 17.17 8.00 0.73
CA GLN A 58 15.97 7.17 0.91
C GLN A 58 14.72 8.00 0.68
N TYR A 59 14.71 9.25 1.18
CA TYR A 59 13.56 10.15 1.01
C TYR A 59 13.29 10.39 -0.47
N LEU A 60 14.34 10.76 -1.21
CA LEU A 60 14.23 11.12 -2.62
C LEU A 60 13.85 9.91 -3.48
N ILE A 61 14.42 8.76 -3.20
CA ILE A 61 14.05 7.54 -3.93
C ILE A 61 12.62 7.09 -3.57
N GLY A 62 12.32 7.08 -2.29
CA GLY A 62 11.02 6.60 -1.80
C GLY A 62 9.86 7.46 -2.27
N GLY A 63 10.07 8.76 -2.39
CA GLY A 63 9.01 9.68 -2.78
C GLY A 63 8.70 9.61 -4.26
N TRP A 64 9.69 9.15 -5.04
CA TRP A 64 9.62 9.20 -6.50
C TRP A 64 8.36 8.58 -7.13
N PRO A 65 7.95 7.37 -6.71
CA PRO A 65 6.78 6.78 -7.40
C PRO A 65 5.54 7.67 -7.33
N VAL A 66 5.31 8.28 -6.19
CA VAL A 66 4.15 9.16 -6.03
C VAL A 66 4.27 10.41 -6.90
N VAL A 67 5.49 10.95 -6.96
CA VAL A 67 5.78 12.09 -7.78
C VAL A 67 5.57 11.77 -9.26
N GLU A 68 6.14 10.65 -9.69
CA GLU A 68 6.13 10.23 -11.09
C GLU A 68 4.71 9.87 -11.56
N GLN A 69 3.93 9.30 -10.65
CA GLN A 69 2.59 8.83 -10.96
C GLN A 69 1.48 9.83 -10.64
N PHE A 70 1.81 11.01 -10.12
CA PHE A 70 0.74 11.91 -9.57
C PHE A 70 -0.27 12.30 -10.66
N ALA A 71 0.23 12.66 -11.83
CA ALA A 71 -0.69 13.04 -12.95
C ALA A 71 -1.47 11.86 -13.46
N LEU A 72 -0.97 10.65 -13.22
CA LEU A 72 -1.67 9.44 -13.56
C LEU A 72 -2.84 9.13 -12.63
N TYR A 73 -2.70 9.46 -11.34
CA TYR A 73 -3.84 9.39 -10.44
C TYR A 73 -4.94 10.33 -10.95
N MET A 74 -4.55 11.53 -11.33
CA MET A 74 -5.48 12.53 -11.86
C MET A 74 -6.14 12.04 -13.16
N ALA A 75 -5.35 11.44 -14.03
CA ALA A 75 -5.88 10.84 -15.27
C ALA A 75 -6.92 9.73 -14.98
N GLN A 76 -6.61 8.85 -14.04
CA GLN A 76 -7.48 7.80 -13.69
C GLN A 76 -8.80 8.38 -13.12
N ASN A 77 -8.70 9.46 -12.37
CA ASN A 77 -9.92 10.11 -11.88
C ASN A 77 -10.73 10.80 -12.98
N LEU A 78 -10.05 11.42 -13.91
CA LEU A 78 -10.71 12.03 -15.06
C LEU A 78 -11.54 10.99 -15.83
N THR A 79 -11.00 9.78 -15.95
CA THR A 79 -11.65 8.66 -16.66
C THR A 79 -12.98 8.25 -16.02
N LYS A 80 -13.20 8.60 -14.75
CA LYS A 80 -14.46 8.26 -14.07
C LYS A 80 -15.57 9.29 -14.30
N THR A 81 -15.25 10.43 -14.88
CA THR A 81 -16.20 11.52 -14.97
C THR A 81 -16.98 11.45 -16.28
N ARG A 82 -18.17 12.03 -16.27
CA ARG A 82 -18.97 12.21 -17.49
C ARG A 82 -19.55 13.62 -17.54
N PHE A 83 -19.69 14.14 -18.73
CA PHE A 83 -20.12 15.52 -18.96
C PHE A 83 -21.56 15.70 -18.48
N ALA A 84 -21.80 16.74 -17.69
CA ALA A 84 -23.17 17.14 -17.24
C ALA A 84 -23.95 16.07 -16.46
N ARG A 85 -23.28 15.14 -15.81
CA ARG A 85 -23.96 14.15 -15.00
C ARG A 85 -24.23 14.73 -13.62
N HIS A 86 -23.36 15.63 -13.16
CA HIS A 86 -23.48 16.25 -11.83
C HIS A 86 -22.58 17.52 -11.79
N PRO A 87 -23.03 18.62 -11.14
CA PRO A 87 -22.20 19.87 -11.21
C PRO A 87 -20.81 19.70 -10.63
N GLY A 88 -20.73 18.92 -9.56
CA GLY A 88 -19.42 18.57 -9.02
C GLY A 88 -18.52 17.81 -9.99
N GLU A 89 -19.16 16.96 -10.81
CA GLU A 89 -18.42 16.16 -11.79
C GLU A 89 -17.89 16.99 -12.96
N ASP A 90 -18.68 17.97 -13.40
CA ASP A 90 -18.19 18.95 -14.38
C ASP A 90 -17.02 19.77 -13.82
N MET A 91 -17.14 20.19 -12.56
CA MET A 91 -16.06 20.93 -11.90
C MET A 91 -14.81 20.07 -11.84
N ALA A 92 -14.97 18.82 -11.42
CA ALA A 92 -13.82 17.89 -11.33
C ALA A 92 -13.16 17.68 -12.69
N ARG A 93 -13.96 17.43 -13.71
CA ARG A 93 -13.45 17.23 -15.08
C ARG A 93 -12.61 18.40 -15.52
N ARG A 94 -13.15 19.60 -15.42
CA ARG A 94 -12.41 20.78 -15.88
C ARG A 94 -11.14 20.99 -15.09
N TRP A 95 -11.23 20.83 -13.77
CA TRP A 95 -10.08 21.04 -12.90
C TRP A 95 -8.96 20.03 -13.20
N LEU A 96 -9.32 18.76 -13.35
CA LEU A 96 -8.35 17.74 -13.63
C LEU A 96 -7.69 17.96 -15.01
N MET A 97 -8.48 18.36 -16.01
CA MET A 97 -7.91 18.66 -17.33
C MET A 97 -6.93 19.82 -17.25
N ARG A 98 -7.24 20.85 -16.46
CA ARG A 98 -6.30 21.99 -16.26
C ARG A 98 -5.06 21.59 -15.45
N ASN A 99 -5.28 20.84 -14.39
CA ASN A 99 -4.20 20.57 -13.45
C ASN A 99 -3.24 19.39 -13.79
N ILE A 100 -3.67 18.48 -14.65
CA ILE A 100 -2.73 17.53 -15.27
C ILE A 100 -1.56 18.29 -15.95
N ARG A 101 -1.86 19.33 -16.71
CA ARG A 101 -0.83 20.17 -17.39
C ARG A 101 0.09 20.82 -16.36
N VAL A 102 -0.46 21.24 -15.22
CA VAL A 102 0.35 21.92 -14.20
C VAL A 102 1.53 21.08 -13.75
N GLU A 103 1.33 19.76 -13.65
CA GLU A 103 2.37 18.85 -13.22
C GLU A 103 3.41 18.52 -14.32
N LEU A 104 3.28 19.10 -15.51
CA LEU A 104 4.11 18.70 -16.67
C LEU A 104 5.60 18.47 -16.31
N ASN A 105 6.21 19.45 -15.68
CA ASN A 105 7.67 19.40 -15.41
C ASN A 105 8.04 18.95 -14.00
N HIS A 106 7.07 18.63 -13.16
CA HIS A 106 7.36 18.40 -11.74
C HIS A 106 8.22 17.15 -11.47
N ALA A 107 8.03 16.09 -12.23
CA ALA A 107 8.86 14.91 -12.08
C ALA A 107 10.31 15.24 -12.50
N ASP A 108 10.46 16.02 -13.57
CA ASP A 108 11.81 16.48 -13.97
C ASP A 108 12.47 17.26 -12.83
N TYR A 109 11.72 18.14 -12.19
CA TYR A 109 12.26 18.90 -11.05
C TYR A 109 12.68 17.96 -9.92
N TRP A 110 11.94 16.89 -9.67
CA TRP A 110 12.32 15.98 -8.60
C TRP A 110 13.63 15.26 -8.97
N VAL A 111 13.79 14.92 -10.24
CA VAL A 111 15.00 14.28 -10.73
C VAL A 111 16.17 15.25 -10.49
N HIS A 112 15.98 16.52 -10.74
CA HIS A 112 17.04 17.52 -10.51
C HIS A 112 17.38 17.70 -9.03
N TRP A 113 16.35 17.75 -8.19
CA TRP A 113 16.52 17.79 -6.75
C TRP A 113 17.33 16.57 -6.28
N SER A 114 16.93 15.39 -6.76
CA SER A 114 17.60 14.16 -6.42
C SER A 114 19.08 14.18 -6.82
N ARG A 115 19.37 14.66 -8.02
CA ARG A 115 20.73 14.65 -8.54
C ARG A 115 21.63 15.56 -7.70
N ALA A 116 21.06 16.62 -7.12
CA ALA A 116 21.81 17.52 -6.23
C ALA A 116 22.26 16.84 -4.93
N HIS A 117 21.68 15.68 -4.61
CA HIS A 117 22.09 14.87 -3.47
C HIS A 117 22.79 13.59 -3.91
N GLY A 118 23.22 13.56 -5.17
CA GLY A 118 23.91 12.39 -5.73
C GLY A 118 23.03 11.19 -6.04
N VAL A 119 21.72 11.39 -6.07
CA VAL A 119 20.78 10.32 -6.40
C VAL A 119 20.51 10.42 -7.90
N THR A 120 20.90 9.38 -8.63
CA THR A 120 20.83 9.37 -10.08
C THR A 120 19.46 8.86 -10.54
N LEU A 121 19.16 9.04 -11.82
CA LEU A 121 17.91 8.53 -12.37
C LEU A 121 17.85 7.02 -12.21
N GLU A 122 18.98 6.36 -12.43
CA GLU A 122 19.06 4.92 -12.19
C GLU A 122 18.66 4.54 -10.75
N ASP A 123 19.15 5.31 -9.78
CA ASP A 123 18.81 5.12 -8.39
C ASP A 123 17.31 5.26 -8.16
N LEU A 124 16.73 6.29 -8.73
CA LEU A 124 15.30 6.48 -8.66
C LEU A 124 14.54 5.30 -9.22
N GLN A 125 14.94 4.84 -10.39
CA GLN A 125 14.29 3.75 -11.06
C GLN A 125 14.42 2.43 -10.32
N ALA A 126 15.56 2.22 -9.66
CA ALA A 126 15.82 0.99 -8.90
C ALA A 126 14.96 0.78 -7.66
N GLN A 127 14.55 1.87 -7.05
CA GLN A 127 13.64 1.81 -5.94
C GLN A 127 14.07 0.88 -4.82
N GLN A 128 15.34 0.96 -4.44
CA GLN A 128 15.81 0.17 -3.33
C GLN A 128 15.63 0.85 -1.99
N VAL A 129 14.44 0.78 -1.46
CA VAL A 129 14.12 1.41 -0.21
C VAL A 129 13.21 0.48 0.56
N PRO A 130 13.07 0.69 1.85
CA PRO A 130 12.20 -0.18 2.63
C PRO A 130 10.72 -0.10 2.20
N PRO A 131 9.95 -1.17 2.44
CA PRO A 131 8.51 -1.20 2.10
C PRO A 131 7.64 -0.13 2.75
N GLU A 132 8.01 0.35 3.93
CA GLU A 132 7.29 1.44 4.58
C GLU A 132 7.24 2.64 3.66
N LEU A 133 8.24 2.77 2.80
CA LEU A 133 8.33 3.97 1.96
C LEU A 133 7.45 3.84 0.69
N HIS A 134 7.14 2.62 0.27
CA HIS A 134 6.31 2.42 -0.92
C HIS A 134 4.81 2.34 -0.64
N ALA A 135 4.41 2.20 0.61
CA ALA A 135 3.00 2.01 0.93
C ALA A 135 2.13 3.13 0.39
N LEU A 136 2.60 4.36 0.50
CA LEU A 136 1.85 5.52 0.00
C LEU A 136 1.51 5.38 -1.51
N SER A 137 2.48 4.98 -2.32
CA SER A 137 2.27 4.84 -3.77
C SER A 137 1.25 3.74 -4.08
N HIS A 138 1.29 2.64 -3.33
CA HIS A 138 0.35 1.56 -3.56
C HIS A 138 -1.08 1.99 -3.20
N TRP A 139 -1.23 2.67 -2.07
CA TRP A 139 -2.52 3.23 -1.68
C TRP A 139 -3.05 4.19 -2.76
N CYS A 140 -2.19 5.10 -3.21
CA CYS A 140 -2.61 6.08 -4.21
C CYS A 140 -3.11 5.40 -5.49
N TRP A 141 -2.40 4.38 -5.98
CA TRP A 141 -2.86 3.69 -7.17
C TRP A 141 -4.16 2.94 -6.90
N HIS A 142 -4.25 2.29 -5.74
CA HIS A 142 -5.43 1.51 -5.42
C HIS A 142 -6.67 2.40 -5.39
N THR A 143 -6.59 3.52 -4.67
CA THR A 143 -7.76 4.43 -4.60
C THR A 143 -8.08 5.04 -5.98
N SER A 144 -7.05 5.43 -6.71
CA SER A 144 -7.24 6.02 -8.05
C SER A 144 -7.89 5.00 -8.99
N SER A 145 -7.52 3.73 -8.87
CA SER A 145 -7.99 2.62 -9.72
C SER A 145 -9.38 2.18 -9.35
N ALA A 146 -9.67 2.07 -8.06
CA ALA A 146 -10.85 1.34 -7.61
C ALA A 146 -11.91 2.17 -6.93
N ASP A 147 -11.54 3.31 -6.34
CA ASP A 147 -12.52 4.10 -5.56
C ASP A 147 -13.24 5.11 -6.46
N SER A 148 -14.29 5.69 -5.90
CA SER A 148 -15.01 6.76 -6.55
C SER A 148 -14.08 7.95 -6.76
N LEU A 149 -14.42 8.79 -7.71
CA LEU A 149 -13.67 10.02 -7.91
C LEU A 149 -13.52 10.85 -6.66
N ILE A 150 -14.63 11.08 -5.99
CA ILE A 150 -14.62 11.94 -4.81
C ILE A 150 -13.61 11.45 -3.75
N VAL A 151 -13.58 10.16 -3.50
CA VAL A 151 -12.69 9.57 -2.50
C VAL A 151 -11.24 9.66 -2.97
N ALA A 152 -10.98 9.31 -4.22
CA ALA A 152 -9.61 9.30 -4.72
C ALA A 152 -9.03 10.70 -4.84
N ILE A 153 -9.85 11.68 -5.19
CA ILE A 153 -9.42 13.07 -5.24
C ILE A 153 -9.09 13.53 -3.83
N ALA A 154 -9.95 13.17 -2.88
CA ALA A 154 -9.69 13.49 -1.45
C ALA A 154 -8.34 12.93 -1.01
N ALA A 155 -8.05 11.69 -1.42
CA ALA A 155 -6.80 11.02 -1.02
C ALA A 155 -5.56 11.64 -1.61
N THR A 156 -5.66 12.19 -2.82
CA THR A 156 -4.51 12.65 -3.58
C THR A 156 -4.38 14.18 -3.67
N ASN A 157 -5.28 14.83 -4.41
CA ASN A 157 -5.23 16.26 -4.62
C ASN A 157 -5.53 17.10 -3.39
N TYR A 158 -6.34 16.57 -2.51
CA TYR A 158 -6.59 17.24 -1.25
C TYR A 158 -5.49 16.86 -0.20
N ALA A 159 -5.41 15.60 0.17
CA ALA A 159 -4.57 15.18 1.33
C ALA A 159 -3.11 15.33 1.01
N ILE A 160 -2.66 14.70 -0.08
CA ILE A 160 -1.19 14.67 -0.37
C ILE A 160 -0.69 16.04 -0.83
N GLU A 161 -1.39 16.67 -1.76
CA GLU A 161 -0.97 17.97 -2.23
C GLU A 161 -1.06 19.00 -1.11
N GLY A 162 -2.13 18.99 -0.31
CA GLY A 162 -2.24 19.91 0.82
C GLY A 162 -1.08 19.74 1.80
N ALA A 163 -0.86 18.54 2.24
CA ALA A 163 0.26 18.29 3.19
C ALA A 163 1.61 18.71 2.58
N THR A 164 1.78 18.48 1.27
CA THR A 164 3.02 18.76 0.56
C THR A 164 3.29 20.24 0.43
N GLY A 165 2.26 21.05 0.20
CA GLY A 165 2.41 22.50 0.31
C GLY A 165 3.00 22.92 1.64
N GLU A 166 2.54 22.27 2.70
CA GLU A 166 2.95 22.65 4.05
C GLU A 166 4.35 22.13 4.41
N TRP A 167 4.62 20.87 4.10
CA TRP A 167 5.97 20.37 4.44
C TRP A 167 7.04 21.01 3.57
N SER A 168 6.75 21.29 2.30
CA SER A 168 7.72 21.93 1.44
C SER A 168 7.98 23.36 1.98
N ALA A 169 6.93 24.07 2.39
CA ALA A 169 7.10 25.39 2.99
C ALA A 169 7.98 25.35 4.25
N LEU A 170 7.78 24.34 5.06
CA LEU A 170 8.57 24.15 6.31
C LEU A 170 10.05 23.91 5.97
N VAL A 171 10.31 23.05 4.99
CA VAL A 171 11.69 22.80 4.54
C VAL A 171 12.39 24.09 4.06
N CYS A 172 11.65 24.96 3.39
CA CYS A 172 12.16 26.20 2.84
C CYS A 172 12.14 27.40 3.78
N SER A 173 11.62 27.21 5.00
CA SER A 173 11.18 28.33 5.84
C SER A 173 12.26 29.19 6.49
N ASN A 174 13.48 28.71 6.58
CA ASN A 174 14.53 29.53 7.20
C ASN A 174 15.80 29.78 6.41
N GLY A 175 15.84 29.28 5.17
CA GLY A 175 16.94 29.53 4.28
C GLY A 175 18.17 28.64 4.42
N ILE A 176 18.24 27.87 5.48
CA ILE A 176 19.44 27.05 5.74
C ILE A 176 19.65 25.97 4.66
N TYR A 177 18.62 25.16 4.39
CA TYR A 177 18.73 24.12 3.43
C TYR A 177 19.18 24.64 2.06
N ALA A 178 18.52 25.72 1.59
CA ALA A 178 18.84 26.27 0.31
C ALA A 178 20.27 26.87 0.26
N ALA A 179 20.64 27.60 1.30
CA ALA A 179 21.94 28.26 1.32
C ALA A 179 23.10 27.25 1.38
N ALA A 180 22.81 26.03 1.83
CA ALA A 180 23.82 25.00 1.91
C ALA A 180 24.22 24.45 0.55
N PHE A 181 23.35 24.56 -0.44
CA PHE A 181 23.73 24.18 -1.82
C PHE A 181 24.69 25.24 -2.38
N PRO A 182 25.74 24.80 -3.09
CA PRO A 182 26.57 25.76 -3.82
C PRO A 182 25.73 26.59 -4.78
N GLU A 183 26.08 27.86 -4.89
CA GLU A 183 25.33 28.85 -5.66
C GLU A 183 24.97 28.37 -7.07
N GLU A 184 25.92 27.73 -7.75
CA GLU A 184 25.73 27.33 -9.14
C GLU A 184 24.73 26.19 -9.28
N ASP A 185 24.46 25.48 -8.18
CA ASP A 185 23.61 24.31 -8.18
C ASP A 185 22.24 24.57 -7.58
N ARG A 186 22.11 25.70 -6.89
CA ARG A 186 20.98 25.94 -6.00
C ARG A 186 19.63 26.06 -6.71
N LYS A 187 19.55 26.89 -7.77
CA LYS A 187 18.25 27.14 -8.43
C LYS A 187 17.65 25.83 -8.90
N ARG A 188 18.46 25.05 -9.59
CA ARG A 188 18.01 23.78 -10.15
C ARG A 188 17.66 22.74 -9.08
N ALA A 189 18.45 22.71 -8.00
CA ALA A 189 18.20 21.81 -6.89
C ALA A 189 16.89 22.11 -6.13
N MET A 190 16.61 23.39 -5.97
CA MET A 190 15.50 23.89 -5.14
C MET A 190 14.15 23.99 -5.87
N LYS A 191 14.13 23.79 -7.19
CA LYS A 191 12.98 24.11 -8.01
C LYS A 191 11.73 23.34 -7.60
N TRP A 192 11.86 22.02 -7.37
CA TRP A 192 10.71 21.24 -6.97
C TRP A 192 10.12 21.82 -5.68
N LEU A 193 10.99 22.04 -4.68
CA LEU A 193 10.51 22.58 -3.43
C LEU A 193 9.83 23.93 -3.61
N LYS A 194 10.44 24.78 -4.38
CA LYS A 194 9.91 26.10 -4.54
C LYS A 194 8.55 26.09 -5.21
N MET A 195 8.36 25.17 -6.14
CA MET A 195 7.11 25.10 -6.87
C MET A 195 5.97 24.66 -5.99
N HIS A 196 6.28 23.92 -4.93
CA HIS A 196 5.28 23.44 -4.03
C HIS A 196 5.10 24.25 -2.76
N ALA A 197 6.12 24.99 -2.39
CA ALA A 197 6.07 25.90 -1.28
C ALA A 197 5.66 27.28 -1.81
N GLN A 198 4.43 27.69 -1.65
CA GLN A 198 3.94 28.97 -2.20
C GLN A 198 2.79 29.20 -1.28
N TYR A 199 2.83 30.30 -0.56
CA TYR A 199 1.94 30.56 0.56
C TYR A 199 0.47 30.46 0.19
N ASP A 200 0.11 30.96 -0.98
CA ASP A 200 -1.28 30.93 -1.35
C ASP A 200 -1.58 29.87 -2.38
N ASP A 201 -1.42 28.62 -1.95
CA ASP A 201 -1.78 27.54 -2.80
C ASP A 201 -3.25 27.16 -2.73
N ALA A 202 -3.92 27.58 -3.77
CA ALA A 202 -5.29 27.37 -3.92
C ALA A 202 -5.42 25.85 -4.27
N HIS A 203 -4.54 25.00 -4.78
N HIS A 203 -4.53 24.93 -4.76
CA HIS A 203 -4.78 23.64 -5.28
CA HIS A 203 -4.83 23.61 -5.27
C HIS A 203 -5.57 22.75 -4.31
C HIS A 203 -5.63 22.74 -4.30
N PRO A 204 -5.19 22.57 -3.06
CA PRO A 204 -5.93 21.72 -2.14
C PRO A 204 -7.30 22.28 -1.80
N TRP A 205 -7.41 23.58 -1.70
CA TRP A 205 -8.71 24.22 -1.47
C TRP A 205 -9.63 24.04 -2.67
N GLU A 206 -9.07 24.14 -3.88
CA GLU A 206 -9.84 23.82 -5.10
C GLU A 206 -10.30 22.38 -5.10
N ALA A 207 -9.42 21.46 -4.71
CA ALA A 207 -9.81 20.07 -4.58
C ALA A 207 -10.94 19.91 -3.56
N LEU A 208 -10.81 20.55 -2.40
CA LEU A 208 -11.84 20.48 -1.38
C LEU A 208 -13.20 20.99 -1.90
N GLU A 209 -13.16 22.11 -2.60
CA GLU A 209 -14.37 22.68 -3.20
C GLU A 209 -15.07 21.68 -4.14
N ILE A 210 -14.28 20.97 -4.94
CA ILE A 210 -14.82 19.93 -5.80
C ILE A 210 -15.44 18.80 -4.98
N ILE A 211 -14.75 18.36 -3.93
CA ILE A 211 -15.25 17.30 -3.08
C ILE A 211 -16.59 17.72 -2.45
N VAL A 212 -16.63 18.95 -1.96
CA VAL A 212 -17.86 19.43 -1.29
C VAL A 212 -19.00 19.50 -2.32
N THR A 213 -18.69 19.96 -3.52
CA THR A 213 -19.72 20.07 -4.56
C THR A 213 -20.26 18.71 -4.97
N LEU A 214 -19.37 17.73 -5.11
CA LEU A 214 -19.78 16.35 -5.33
C LEU A 214 -20.65 15.78 -4.23
N ALA A 215 -20.29 16.05 -2.96
CA ALA A 215 -20.96 15.46 -1.83
C ALA A 215 -22.27 16.18 -1.49
N GLY A 216 -22.29 17.49 -1.72
CA GLY A 216 -23.46 18.35 -1.42
C GLY A 216 -23.50 18.82 0.03
N LEU A 217 -24.62 19.42 0.41
CA LEU A 217 -24.79 19.95 1.77
C LEU A 217 -25.08 18.87 2.81
N ASN A 218 -25.59 17.72 2.39
CA ASN A 218 -25.98 16.67 3.34
C ASN A 218 -25.60 15.28 2.98
N PRO A 219 -24.29 15.04 2.82
CA PRO A 219 -23.87 13.70 2.50
C PRO A 219 -24.19 12.75 3.62
N THR A 220 -24.36 11.47 3.27
CA THR A 220 -24.51 10.44 4.28
C THR A 220 -23.31 10.42 5.24
N LYS A 221 -23.57 9.92 6.43
CA LYS A 221 -22.48 9.65 7.38
C LYS A 221 -21.47 8.65 6.80
N ALA A 222 -21.96 7.67 6.05
CA ALA A 222 -21.11 6.67 5.40
C ALA A 222 -20.13 7.28 4.41
N LEU A 223 -20.60 8.21 3.58
CA LEU A 223 -19.75 8.88 2.63
C LEU A 223 -18.73 9.74 3.38
N GLN A 224 -19.19 10.45 4.40
CA GLN A 224 -18.28 11.27 5.19
C GLN A 224 -17.17 10.41 5.81
N ALA A 225 -17.51 9.22 6.31
CA ALA A 225 -16.52 8.32 6.90
C ALA A 225 -15.56 7.81 5.85
N GLU A 226 -16.06 7.56 4.65
CA GLU A 226 -15.20 7.12 3.55
C GLU A 226 -14.15 8.20 3.23
N LEU A 227 -14.59 9.46 3.15
CA LEU A 227 -13.68 10.58 2.92
C LEU A 227 -12.65 10.71 4.04
N ARG A 228 -13.13 10.66 5.28
CA ARG A 228 -12.26 10.81 6.44
C ARG A 228 -11.18 9.71 6.45
N GLN A 229 -11.60 8.48 6.23
CA GLN A 229 -10.69 7.36 6.26
C GLN A 229 -9.67 7.42 5.11
N ALA A 230 -10.08 7.88 3.94
CA ALA A 230 -9.18 8.00 2.79
C ALA A 230 -8.15 9.10 3.02
N ILE A 231 -8.61 10.24 3.54
CA ILE A 231 -7.71 11.37 3.81
C ILE A 231 -6.69 10.99 4.90
N CYS A 232 -7.18 10.41 5.98
CA CYS A 232 -6.30 9.99 7.08
C CYS A 232 -5.35 8.88 6.64
N LYS A 233 -5.79 7.98 5.76
CA LYS A 233 -4.91 6.96 5.22
C LYS A 233 -3.73 7.56 4.45
N SER A 234 -3.99 8.56 3.59
CA SER A 234 -2.92 9.25 2.91
C SER A 234 -1.94 9.89 3.90
N TYR A 235 -2.44 10.62 4.86
CA TYR A 235 -1.56 11.19 5.91
C TYR A 235 -0.79 10.10 6.68
N ASP A 236 -1.47 9.02 7.02
CA ASP A 236 -0.89 7.97 7.83
C ASP A 236 0.17 7.21 7.10
N TYR A 237 0.03 7.07 5.77
CA TYR A 237 1.12 6.52 4.97
C TYR A 237 2.31 7.46 4.77
N MET A 238 2.05 8.76 4.68
CA MET A 238 3.13 9.73 4.75
C MET A 238 3.84 9.61 6.11
N TYR A 239 3.08 9.51 7.17
CA TYR A 239 3.67 9.36 8.52
C TYR A 239 4.50 8.07 8.67
N LEU A 240 3.98 6.96 8.16
CA LEU A 240 4.72 5.72 8.18
C LEU A 240 6.08 5.85 7.46
N PHE A 241 6.08 6.50 6.28
CA PHE A 241 7.27 6.77 5.47
C PHE A 241 8.27 7.58 6.32
N LEU A 242 7.78 8.63 6.96
CA LEU A 242 8.62 9.58 7.71
C LEU A 242 9.19 8.95 8.98
N GLU A 243 8.38 8.16 9.66
CA GLU A 243 8.84 7.42 10.84
C GLU A 243 9.95 6.45 10.50
N ARG A 244 9.83 5.74 9.38
CA ARG A 244 10.87 4.80 8.96
C ARG A 244 12.16 5.53 8.58
N CYS A 245 12.04 6.65 7.89
CA CYS A 245 13.20 7.49 7.56
C CYS A 245 13.91 7.93 8.85
N MET A 246 13.14 8.35 9.87
CA MET A 246 13.74 8.84 11.13
C MET A 246 14.42 7.75 11.94
N GLN A 247 13.96 6.51 11.79
CA GLN A 247 14.64 5.37 12.39
C GLN A 247 16.03 5.19 11.75
N GLN A 248 16.10 5.32 10.43
CA GLN A 248 17.35 5.24 9.69
C GLN A 248 18.25 6.45 10.06
N GLU A 249 17.66 7.64 10.27
CA GLU A 249 18.41 8.84 10.64
C GLU A 249 19.10 8.68 11.98
N LYS A 250 18.36 8.15 12.94
CA LYS A 250 18.90 8.01 14.29
C LYS A 250 20.07 7.03 14.30
N THR A 251 19.93 5.94 13.55
CA THR A 251 21.02 4.97 13.37
C THR A 251 22.26 5.56 12.69
N ALA A 252 22.04 6.28 11.58
CA ALA A 252 23.13 6.85 10.83
C ALA A 252 23.90 7.87 11.66
N VAL A 253 23.18 8.74 12.36
CA VAL A 253 23.82 9.81 13.11
C VAL A 253 24.53 9.24 14.35
N THR A 254 23.86 8.32 15.02
CA THR A 254 24.43 7.67 16.23
C THR A 254 25.74 6.94 15.89
N ARG A 255 25.78 6.29 14.72
CA ARG A 255 26.98 5.55 14.29
C ARG A 255 28.15 6.51 14.18
N GLU A 256 27.91 7.70 13.62
CA GLU A 256 29.01 8.63 13.46
C GLU A 256 29.36 9.33 14.74
N ARG A 257 28.39 9.48 15.62
CA ARG A 257 28.65 10.12 16.89
C ARG A 257 29.57 9.21 17.70
N LEU A 258 29.25 7.92 17.70
CA LEU A 258 30.04 6.93 18.46
C LEU A 258 31.40 6.62 17.81
N ALA A 259 31.52 6.83 16.51
CA ALA A 259 32.82 6.70 15.84
C ALA A 259 33.69 7.92 16.18
N ASP B 5 14.47 -20.00 -24.75
CA ASP B 5 13.43 -20.85 -25.38
C ASP B 5 12.40 -21.35 -24.37
N THR B 6 11.62 -22.37 -24.77
CA THR B 6 10.44 -22.86 -24.02
C THR B 6 10.85 -23.77 -22.84
N PHE B 7 10.31 -23.50 -21.65
CA PHE B 7 10.51 -24.32 -20.46
C PHE B 7 9.41 -25.35 -20.41
N SER B 8 9.81 -26.58 -20.12
CA SER B 8 8.88 -27.67 -19.91
C SER B 8 9.41 -28.45 -18.73
N ARG B 9 8.58 -28.61 -17.71
CA ARG B 9 8.97 -29.33 -16.51
C ARG B 9 9.10 -30.83 -16.77
N THR B 10 10.19 -31.41 -16.25
CA THR B 10 10.48 -32.85 -16.29
C THR B 10 10.29 -33.50 -14.92
N GLY B 11 10.80 -32.85 -13.87
CA GLY B 11 10.75 -33.39 -12.52
C GLY B 11 9.44 -33.10 -11.79
N PRO B 12 9.30 -33.59 -10.56
CA PRO B 12 8.08 -33.38 -9.79
C PRO B 12 7.72 -31.89 -9.62
N LEU B 13 6.42 -31.60 -9.62
CA LEU B 13 5.89 -30.24 -9.51
C LEU B 13 6.43 -29.47 -8.31
N MET B 14 6.49 -30.16 -7.18
CA MET B 14 6.71 -29.53 -5.90
C MET B 14 8.16 -29.64 -5.39
N GLU B 15 9.12 -29.59 -6.31
CA GLU B 15 10.56 -29.60 -5.97
C GLU B 15 11.27 -28.51 -6.74
N ALA B 16 12.03 -27.69 -6.03
CA ALA B 16 12.80 -26.61 -6.67
C ALA B 16 13.71 -27.11 -7.79
N ALA B 17 14.24 -28.32 -7.67
CA ALA B 17 15.18 -28.87 -8.65
C ALA B 17 14.56 -29.10 -10.02
N SER B 18 13.22 -29.10 -10.08
CA SER B 18 12.52 -29.28 -11.34
C SER B 18 12.52 -28.01 -12.20
N TYR B 19 13.04 -26.91 -11.66
CA TYR B 19 12.98 -25.61 -12.32
C TYR B 19 14.37 -25.13 -12.65
N PRO B 20 14.49 -24.16 -13.57
CA PRO B 20 15.81 -23.69 -13.96
C PRO B 20 16.64 -23.12 -12.81
N ALA B 21 17.94 -23.01 -13.04
CA ALA B 21 18.86 -22.43 -12.04
C ALA B 21 18.41 -21.04 -11.58
N TRP B 22 17.96 -20.20 -12.50
CA TRP B 22 17.55 -18.84 -12.15
C TRP B 22 16.37 -18.83 -11.18
N THR B 23 15.50 -19.82 -11.30
CA THR B 23 14.34 -19.96 -10.45
C THR B 23 14.78 -20.43 -9.07
N GLN B 24 15.70 -21.38 -9.05
CA GLN B 24 16.24 -21.88 -7.79
C GLN B 24 16.97 -20.77 -7.03
N GLN B 25 17.69 -19.94 -7.77
CA GLN B 25 18.27 -18.71 -7.19
C GLN B 25 17.22 -17.75 -6.64
N LEU B 26 16.17 -17.52 -7.41
CA LEU B 26 15.07 -16.66 -6.98
C LEU B 26 14.48 -17.13 -5.64
N ILE B 27 14.17 -18.42 -5.54
CA ILE B 27 13.67 -18.98 -4.29
C ILE B 27 14.63 -18.70 -3.13
N GLN B 28 15.92 -18.95 -3.38
CA GLN B 28 16.94 -18.69 -2.38
C GLN B 28 16.98 -17.22 -1.99
N ASP B 29 16.95 -16.33 -2.98
CA ASP B 29 16.98 -14.89 -2.73
C ASP B 29 15.79 -14.39 -1.89
N CYS B 30 14.65 -15.07 -1.97
CA CYS B 30 13.43 -14.67 -1.27
C CYS B 30 13.22 -15.38 0.08
N SER B 31 14.15 -16.30 0.41
CA SER B 31 13.92 -17.24 1.49
C SER B 31 13.88 -16.57 2.87
N GLU B 32 14.74 -15.59 3.12
CA GLU B 32 14.71 -14.90 4.43
C GLU B 32 13.44 -14.07 4.57
N SER B 33 13.08 -13.38 3.49
CA SER B 33 11.81 -12.59 3.51
C SER B 33 10.61 -13.49 3.84
N LYS B 34 10.60 -14.67 3.24
CA LYS B 34 9.57 -15.65 3.53
C LYS B 34 9.63 -16.18 4.96
N ARG B 35 10.84 -16.49 5.42
CA ARG B 35 11.00 -17.14 6.70
C ARG B 35 10.42 -16.30 7.83
N ARG B 36 10.69 -14.99 7.80
CA ARG B 36 10.30 -14.17 8.92
C ARG B 36 8.78 -14.00 9.05
N VAL B 37 8.06 -14.29 7.96
CA VAL B 37 6.59 -14.36 7.98
C VAL B 37 6.13 -15.72 8.48
N VAL B 38 6.58 -16.78 7.84
CA VAL B 38 6.02 -18.13 8.11
C VAL B 38 6.42 -18.70 9.47
N GLU B 39 7.49 -18.15 10.06
CA GLU B 39 7.91 -18.50 11.42
C GLU B 39 7.58 -17.43 12.47
N HIS B 40 6.66 -16.51 12.14
CA HIS B 40 6.47 -15.35 12.99
C HIS B 40 5.93 -15.71 14.36
N GLU B 41 6.40 -14.99 15.37
CA GLU B 41 5.96 -15.15 16.75
C GLU B 41 4.44 -15.07 16.90
N LEU B 42 3.79 -14.23 16.10
CA LEU B 42 2.35 -14.09 16.21
C LEU B 42 1.67 -15.45 15.96
N TYR B 43 2.17 -16.20 14.96
CA TYR B 43 1.57 -17.49 14.61
C TYR B 43 1.88 -18.53 15.67
N GLN B 44 3.07 -18.47 16.25
CA GLN B 44 3.40 -19.40 17.34
C GLN B 44 2.47 -19.17 18.51
N ARG B 45 2.20 -17.89 18.81
CA ARG B 45 1.27 -17.56 19.89
C ARG B 45 -0.18 -17.96 19.58
N MET B 46 -0.59 -17.76 18.33
CA MET B 46 -1.93 -18.13 17.90
C MET B 46 -2.13 -19.65 18.05
N ARG B 47 -1.13 -20.39 17.57
CA ARG B 47 -1.10 -21.85 17.61
C ARG B 47 -1.38 -22.37 19.03
N ASP B 48 -0.78 -21.70 20.01
CA ASP B 48 -0.82 -22.10 21.40
C ASP B 48 -1.96 -21.48 22.18
N ASN B 49 -2.87 -20.79 21.49
CA ASN B 49 -3.98 -20.12 22.16
C ASN B 49 -3.49 -19.12 23.23
N LYS B 50 -2.38 -18.44 22.93
CA LYS B 50 -1.79 -17.39 23.77
C LYS B 50 -2.05 -15.95 23.28
N LEU B 51 -2.52 -15.74 22.06
CA LEU B 51 -2.78 -14.37 21.59
C LEU B 51 -3.93 -13.74 22.31
N SER B 52 -3.77 -12.47 22.67
CA SER B 52 -4.88 -11.73 23.25
C SER B 52 -6.05 -11.66 22.28
N ALA B 53 -7.24 -11.56 22.86
CA ALA B 53 -8.46 -11.41 22.08
C ALA B 53 -8.39 -10.15 21.21
N LYS B 54 -7.78 -9.09 21.74
CA LYS B 54 -7.65 -7.81 21.01
C LYS B 54 -6.85 -7.97 19.71
N VAL B 55 -5.74 -8.68 19.81
CA VAL B 55 -4.85 -8.85 18.66
C VAL B 55 -5.44 -9.84 17.65
N MET B 56 -6.07 -10.89 18.12
CA MET B 56 -6.80 -11.81 17.27
C MET B 56 -7.86 -11.08 16.46
N ARG B 57 -8.60 -10.18 17.10
CA ARG B 57 -9.60 -9.35 16.40
C ARG B 57 -8.95 -8.47 15.33
N GLN B 58 -7.82 -7.82 15.66
CA GLN B 58 -7.10 -6.99 14.68
C GLN B 58 -6.63 -7.82 13.50
N TYR B 59 -6.12 -9.03 13.77
CA TYR B 59 -5.66 -9.92 12.73
C TYR B 59 -6.80 -10.27 11.73
N LEU B 60 -7.94 -10.65 12.29
CA LEU B 60 -9.08 -11.07 11.48
C LEU B 60 -9.65 -9.92 10.64
N ILE B 61 -9.72 -8.75 11.25
CA ILE B 61 -10.22 -7.58 10.53
C ILE B 61 -9.22 -7.14 9.47
N GLY B 62 -7.95 -7.06 9.86
CA GLY B 62 -6.91 -6.61 8.96
C GLY B 62 -6.69 -7.52 7.75
N GLY B 63 -6.82 -8.82 7.93
CA GLY B 63 -6.64 -9.76 6.86
C GLY B 63 -7.77 -9.78 5.83
N TRP B 64 -8.93 -9.30 6.24
CA TRP B 64 -10.15 -9.40 5.43
C TRP B 64 -10.09 -8.82 4.01
N PRO B 65 -9.54 -7.61 3.84
CA PRO B 65 -9.51 -7.08 2.45
C PRO B 65 -8.78 -7.98 1.42
N VAL B 66 -7.64 -8.56 1.80
CA VAL B 66 -6.93 -9.44 0.92
C VAL B 66 -7.76 -10.68 0.64
N VAL B 67 -8.40 -11.19 1.69
CA VAL B 67 -9.23 -12.41 1.56
C VAL B 67 -10.40 -12.11 0.62
N GLU B 68 -11.05 -11.00 0.86
CA GLU B 68 -12.26 -10.62 0.10
C GLU B 68 -11.93 -10.32 -1.37
N GLN B 69 -10.77 -9.72 -1.61
CA GLN B 69 -10.37 -9.28 -2.94
C GLN B 69 -9.53 -10.33 -3.70
N PHE B 70 -9.21 -11.48 -3.11
CA PHE B 70 -8.22 -12.39 -3.71
C PHE B 70 -8.60 -12.85 -5.11
N ALA B 71 -9.85 -13.28 -5.28
CA ALA B 71 -10.33 -13.70 -6.58
C ALA B 71 -10.41 -12.55 -7.58
N LEU B 72 -10.52 -11.32 -7.09
CA LEU B 72 -10.48 -10.13 -7.93
C LEU B 72 -9.07 -9.79 -8.43
N TYR B 73 -8.04 -10.09 -7.65
CA TYR B 73 -6.67 -10.02 -8.19
C TYR B 73 -6.53 -11.00 -9.35
N MET B 74 -7.02 -12.23 -9.14
CA MET B 74 -6.96 -13.25 -10.17
C MET B 74 -7.70 -12.81 -11.41
N ALA B 75 -8.88 -12.23 -11.21
CA ALA B 75 -9.69 -11.73 -12.33
C ALA B 75 -8.96 -10.67 -13.14
N GLN B 76 -8.31 -9.75 -12.44
CA GLN B 76 -7.56 -8.70 -13.10
C GLN B 76 -6.43 -9.30 -13.90
N ASN B 77 -5.77 -10.34 -13.36
CA ASN B 77 -4.74 -10.99 -14.14
C ASN B 77 -5.26 -11.74 -15.37
N LEU B 78 -6.42 -12.37 -15.23
CA LEU B 78 -7.03 -13.08 -16.35
C LEU B 78 -7.30 -12.11 -17.50
N THR B 79 -7.69 -10.89 -17.15
CA THR B 79 -7.98 -9.81 -18.12
C THR B 79 -6.77 -9.40 -18.97
N LYS B 80 -5.56 -9.70 -18.49
CA LYS B 80 -4.34 -9.38 -19.23
C LYS B 80 -3.95 -10.44 -20.25
N THR B 81 -4.60 -11.59 -20.24
CA THR B 81 -4.19 -12.72 -21.05
C THR B 81 -4.91 -12.75 -22.38
N ARG B 82 -4.29 -13.39 -23.37
CA ARG B 82 -4.91 -13.65 -24.67
C ARG B 82 -4.62 -15.08 -25.10
N PHE B 83 -5.56 -15.67 -25.79
CA PHE B 83 -5.49 -17.08 -26.22
C PHE B 83 -4.34 -17.28 -27.21
N ALA B 84 -3.51 -18.29 -26.96
CA ALA B 84 -2.43 -18.68 -27.89
C ALA B 84 -1.40 -17.59 -28.24
N ARG B 85 -1.21 -16.61 -27.36
CA ARG B 85 -0.17 -15.60 -27.57
C ARG B 85 1.18 -16.13 -27.09
N HIS B 86 1.17 -16.97 -26.05
CA HIS B 86 2.38 -17.51 -25.46
C HIS B 86 1.98 -18.74 -24.61
N PRO B 87 2.82 -19.82 -24.59
CA PRO B 87 2.39 -21.03 -23.86
C PRO B 87 2.18 -20.80 -22.36
N GLY B 88 3.03 -19.96 -21.76
CA GLY B 88 2.83 -19.55 -20.38
C GLY B 88 1.52 -18.79 -20.15
N GLU B 89 1.11 -18.01 -21.13
CA GLU B 89 -0.12 -17.24 -21.04
C GLU B 89 -1.38 -18.14 -21.12
N ASP B 90 -1.33 -19.15 -21.98
CA ASP B 90 -2.41 -20.14 -22.01
C ASP B 90 -2.50 -20.90 -20.70
N MET B 91 -1.35 -21.25 -20.16
CA MET B 91 -1.30 -21.93 -18.88
C MET B 91 -1.89 -21.06 -17.78
N ALA B 92 -1.52 -19.78 -17.78
CA ALA B 92 -2.04 -18.83 -16.80
C ALA B 92 -3.57 -18.67 -16.92
N ARG B 93 -4.05 -18.48 -18.15
CA ARG B 93 -5.47 -18.32 -18.41
C ARG B 93 -6.28 -19.49 -17.86
N ARG B 94 -5.89 -20.72 -18.21
CA ARG B 94 -6.64 -21.89 -17.75
C ARG B 94 -6.59 -22.00 -16.24
N TRP B 95 -5.41 -21.78 -15.65
CA TRP B 95 -5.25 -21.93 -14.22
C TRP B 95 -6.09 -20.90 -13.45
N LEU B 96 -6.08 -19.66 -13.91
CA LEU B 96 -6.85 -18.61 -13.28
C LEU B 96 -8.36 -18.88 -13.40
N MET B 97 -8.79 -19.36 -14.56
CA MET B 97 -10.22 -19.69 -14.74
C MET B 97 -10.61 -20.79 -13.78
N ARG B 98 -9.75 -21.79 -13.61
CA ARG B 98 -10.07 -22.87 -12.66
C ARG B 98 -10.03 -22.38 -11.22
N ASN B 99 -9.01 -21.60 -10.88
CA ASN B 99 -8.77 -21.28 -9.47
C ASN B 99 -9.61 -20.10 -8.92
N ILE B 100 -10.13 -19.24 -9.78
CA ILE B 100 -11.15 -18.30 -9.31
C ILE B 100 -12.31 -19.06 -8.63
N ARG B 101 -12.77 -20.14 -9.23
CA ARG B 101 -13.85 -21.01 -8.68
C ARG B 101 -13.43 -21.62 -7.34
N VAL B 102 -12.17 -22.00 -7.22
CA VAL B 102 -11.69 -22.60 -5.96
C VAL B 102 -11.92 -21.69 -4.76
N GLU B 103 -11.78 -20.38 -4.94
CA GLU B 103 -11.95 -19.43 -3.85
C GLU B 103 -13.44 -19.13 -3.54
N LEU B 104 -14.37 -19.76 -4.26
CA LEU B 104 -15.80 -19.42 -4.14
C LEU B 104 -16.24 -19.14 -2.69
N ASN B 105 -15.98 -20.09 -1.80
CA ASN B 105 -16.49 -20.00 -0.44
C ASN B 105 -15.48 -19.49 0.57
N HIS B 106 -14.27 -19.14 0.15
CA HIS B 106 -13.22 -18.83 1.13
C HIS B 106 -13.48 -17.58 1.95
N ALA B 107 -14.03 -16.55 1.32
CA ALA B 107 -14.38 -15.35 2.08
C ALA B 107 -15.48 -15.66 3.11
N ASP B 108 -16.44 -16.51 2.72
CA ASP B 108 -17.45 -16.93 3.68
C ASP B 108 -16.81 -17.62 4.88
N TYR B 109 -15.85 -18.50 4.62
CA TYR B 109 -15.16 -19.20 5.69
C TYR B 109 -14.43 -18.22 6.61
N TRP B 110 -13.83 -17.18 6.06
CA TRP B 110 -13.15 -16.20 6.91
C TRP B 110 -14.16 -15.50 7.80
N VAL B 111 -15.35 -15.22 7.25
CA VAL B 111 -16.40 -14.57 8.04
C VAL B 111 -16.77 -15.47 9.21
N HIS B 112 -16.87 -16.78 8.97
CA HIS B 112 -17.21 -17.74 10.03
C HIS B 112 -16.12 -17.85 11.07
N TRP B 113 -14.87 -17.87 10.62
CA TRP B 113 -13.73 -17.85 11.53
C TRP B 113 -13.77 -16.61 12.41
N SER B 114 -13.98 -15.45 11.78
CA SER B 114 -14.05 -14.20 12.49
C SER B 114 -15.16 -14.17 13.56
N ARG B 115 -16.33 -14.68 13.19
CA ARG B 115 -17.50 -14.65 14.08
C ARG B 115 -17.25 -15.51 15.32
N ALA B 116 -16.46 -16.56 15.16
CA ALA B 116 -16.09 -17.43 16.29
C ALA B 116 -15.26 -16.69 17.35
N HIS B 117 -14.67 -15.56 16.98
CA HIS B 117 -13.90 -14.72 17.88
C HIS B 117 -14.63 -13.43 18.22
N GLY B 118 -15.93 -13.39 17.94
CA GLY B 118 -16.76 -12.23 18.23
C GLY B 118 -16.55 -11.06 17.28
N VAL B 119 -15.93 -11.32 16.13
CA VAL B 119 -15.75 -10.30 15.08
C VAL B 119 -16.90 -10.47 14.09
N THR B 120 -17.73 -9.44 14.00
CA THR B 120 -18.95 -9.49 13.21
C THR B 120 -18.65 -9.05 11.78
N LEU B 121 -19.58 -9.31 10.88
CA LEU B 121 -19.45 -8.83 9.53
C LEU B 121 -19.32 -7.31 9.53
N GLU B 122 -20.08 -6.63 10.37
CA GLU B 122 -19.97 -5.18 10.49
C GLU B 122 -18.54 -4.74 10.85
N ASP B 123 -17.91 -5.51 11.73
CA ASP B 123 -16.56 -5.28 12.17
C ASP B 123 -15.60 -5.41 10.99
N LEU B 124 -15.80 -6.45 10.21
CA LEU B 124 -14.99 -6.66 9.04
C LEU B 124 -15.14 -5.50 8.06
N GLN B 125 -16.37 -5.08 7.85
CA GLN B 125 -16.62 -4.03 6.89
C GLN B 125 -16.11 -2.69 7.34
N ALA B 126 -16.07 -2.44 8.63
CA ALA B 126 -15.61 -1.18 9.17
C ALA B 126 -14.11 -0.94 9.10
N GLN B 127 -13.32 -2.00 9.17
CA GLN B 127 -11.90 -1.92 8.92
C GLN B 127 -11.16 -0.95 9.84
N GLN B 128 -11.50 -0.89 11.03
CA GLN B 128 -10.91 -0.09 12.07
C GLN B 128 -9.61 -0.68 12.58
N VAL B 129 -8.60 -0.75 11.78
CA VAL B 129 -7.32 -1.25 12.14
C VAL B 129 -6.23 -0.29 11.68
N PRO B 130 -4.98 -0.53 12.24
CA PRO B 130 -3.92 0.40 11.78
C PRO B 130 -3.52 0.29 10.30
N PRO B 131 -2.90 1.35 9.77
CA PRO B 131 -2.56 1.34 8.32
C PRO B 131 -1.53 0.31 7.91
N GLU B 132 -0.68 -0.10 8.84
CA GLU B 132 0.27 -1.18 8.58
C GLU B 132 -0.45 -2.44 8.14
N LEU B 133 -1.68 -2.60 8.60
CA LEU B 133 -2.42 -3.83 8.31
C LEU B 133 -3.05 -3.80 6.92
N HIS B 134 -3.26 -2.59 6.37
CA HIS B 134 -3.86 -2.48 5.02
C HIS B 134 -2.86 -2.44 3.86
N ALA B 135 -1.58 -2.26 4.14
CA ALA B 135 -0.60 -2.09 3.07
C ALA B 135 -0.58 -3.26 2.10
N LEU B 136 -0.68 -4.49 2.64
CA LEU B 136 -0.67 -5.68 1.79
C LEU B 136 -1.77 -5.59 0.72
N SER B 137 -2.97 -5.21 1.13
CA SER B 137 -4.11 -5.13 0.20
C SER B 137 -3.89 -4.09 -0.88
N HIS B 138 -3.30 -2.95 -0.53
CA HIS B 138 -3.03 -1.90 -1.51
C HIS B 138 -2.01 -2.36 -2.54
N TRP B 139 -0.98 -3.05 -2.05
CA TRP B 139 0.04 -3.58 -2.93
C TRP B 139 -0.56 -4.59 -3.89
N CYS B 140 -1.38 -5.49 -3.36
CA CYS B 140 -1.99 -6.52 -4.19
C CYS B 140 -2.86 -5.93 -5.29
N TRP B 141 -3.67 -4.92 -4.96
CA TRP B 141 -4.47 -4.27 -6.00
C TRP B 141 -3.59 -3.55 -7.00
N HIS B 142 -2.57 -2.84 -6.50
CA HIS B 142 -1.70 -2.10 -7.40
C HIS B 142 -1.05 -3.01 -8.42
N THR B 143 -0.43 -4.10 -7.97
CA THR B 143 0.27 -5.00 -8.87
C THR B 143 -0.73 -5.69 -9.81
N SER B 144 -1.88 -6.07 -9.29
CA SER B 144 -2.92 -6.70 -10.10
C SER B 144 -3.43 -5.74 -11.18
N SER B 145 -3.56 -4.48 -10.85
CA SER B 145 -4.04 -3.42 -11.76
C SER B 145 -3.01 -3.00 -12.81
N ALA B 146 -1.77 -2.82 -12.39
CA ALA B 146 -0.81 -2.08 -13.20
C ALA B 146 0.35 -2.89 -13.72
N ASP B 147 0.70 -3.98 -13.05
CA ASP B 147 1.87 -4.77 -13.47
C ASP B 147 1.55 -5.82 -14.51
N SER B 148 2.61 -6.40 -15.08
CA SER B 148 2.44 -7.55 -15.95
C SER B 148 1.81 -8.73 -15.19
N LEU B 149 1.19 -9.63 -15.94
CA LEU B 149 0.65 -10.83 -15.35
C LEU B 149 1.67 -11.61 -14.55
N ILE B 150 2.83 -11.83 -15.13
CA ILE B 150 3.86 -12.62 -14.47
C ILE B 150 4.24 -12.07 -13.07
N VAL B 151 4.43 -10.76 -12.98
CA VAL B 151 4.76 -10.12 -11.71
C VAL B 151 3.61 -10.21 -10.71
N ALA B 152 2.40 -9.91 -11.17
CA ALA B 152 1.26 -9.89 -10.27
C ALA B 152 0.93 -11.27 -9.75
N ILE B 153 1.08 -12.29 -10.60
CA ILE B 153 0.84 -13.67 -10.18
C ILE B 153 1.90 -14.08 -9.15
N ALA B 154 3.14 -13.69 -9.39
CA ALA B 154 4.22 -13.94 -8.42
C ALA B 154 3.89 -13.33 -7.05
N ALA B 155 3.34 -12.12 -7.06
CA ALA B 155 3.07 -11.41 -5.83
C ALA B 155 1.94 -12.01 -5.03
N THR B 156 0.98 -12.63 -5.71
CA THR B 156 -0.26 -13.07 -5.10
C THR B 156 -0.36 -14.58 -4.97
N ASN B 157 -0.49 -15.26 -6.10
CA ASN B 157 -0.72 -16.71 -6.08
C ASN B 157 0.52 -17.50 -5.66
N TYR B 158 1.68 -16.93 -5.91
CA TYR B 158 2.91 -17.61 -5.45
C TYR B 158 3.26 -17.16 -4.02
N ALA B 159 3.52 -15.86 -3.83
CA ALA B 159 4.05 -15.38 -2.54
C ALA B 159 3.03 -15.49 -1.40
N ILE B 160 1.87 -14.87 -1.58
CA ILE B 160 0.89 -14.85 -0.48
C ILE B 160 0.28 -16.24 -0.23
N GLU B 161 -0.17 -16.91 -1.27
CA GLU B 161 -0.79 -18.23 -1.09
C GLU B 161 0.23 -19.23 -0.54
N GLY B 162 1.47 -19.21 -1.04
CA GLY B 162 2.51 -20.08 -0.49
C GLY B 162 2.81 -19.84 1.00
N ALA B 163 3.06 -18.59 1.36
CA ALA B 163 3.28 -18.25 2.76
C ALA B 163 2.07 -18.61 3.65
N THR B 164 0.86 -18.44 3.11
CA THR B 164 -0.38 -18.73 3.84
C THR B 164 -0.59 -20.22 4.11
N GLY B 165 -0.19 -21.05 3.15
CA GLY B 165 -0.19 -22.52 3.37
C GLY B 165 0.65 -22.86 4.59
N GLU B 166 1.79 -22.18 4.72
CA GLU B 166 2.72 -22.48 5.80
C GLU B 166 2.27 -21.89 7.14
N TRP B 167 1.82 -20.64 7.17
CA TRP B 167 1.37 -20.10 8.46
C TRP B 167 0.09 -20.75 8.96
N SER B 168 -0.82 -21.10 8.06
CA SER B 168 -2.07 -21.74 8.47
C SER B 168 -1.75 -23.14 9.03
N ALA B 169 -0.84 -23.85 8.40
CA ALA B 169 -0.37 -25.14 8.92
C ALA B 169 0.23 -24.98 10.33
N LEU B 170 1.04 -23.94 10.52
CA LEU B 170 1.69 -23.69 11.83
C LEU B 170 0.64 -23.44 12.91
N VAL B 171 -0.34 -22.59 12.60
CA VAL B 171 -1.42 -22.31 13.56
C VAL B 171 -2.16 -23.59 14.01
N CYS B 172 -2.36 -24.51 13.06
CA CYS B 172 -3.12 -25.73 13.30
C CYS B 172 -2.30 -26.86 13.90
N SER B 173 -1.00 -26.68 13.98
CA SER B 173 -0.04 -27.78 14.05
C SER B 173 -0.06 -28.61 15.34
N ASN B 174 -0.56 -28.06 16.44
CA ASN B 174 -0.56 -28.82 17.69
C ASN B 174 -1.91 -29.00 18.39
N GLY B 175 -2.98 -28.53 17.76
CA GLY B 175 -4.33 -28.79 18.21
C GLY B 175 -4.86 -27.86 19.28
N ILE B 176 -3.96 -27.06 19.87
CA ILE B 176 -4.34 -26.27 21.03
C ILE B 176 -5.33 -25.18 20.64
N TYR B 177 -5.03 -24.45 19.58
CA TYR B 177 -5.90 -23.38 19.10
C TYR B 177 -7.31 -23.90 18.80
N ALA B 178 -7.39 -25.00 18.03
CA ALA B 178 -8.68 -25.61 17.67
C ALA B 178 -9.45 -26.06 18.92
N ALA B 179 -8.76 -26.67 19.86
CA ALA B 179 -9.41 -27.23 21.05
C ALA B 179 -10.04 -26.17 21.94
N ALA B 180 -9.55 -24.94 21.82
CA ALA B 180 -10.10 -23.84 22.61
C ALA B 180 -11.51 -23.43 22.14
N PHE B 181 -11.87 -23.73 20.89
CA PHE B 181 -13.26 -23.52 20.45
C PHE B 181 -14.20 -24.56 21.05
N PRO B 182 -15.39 -24.12 21.47
CA PRO B 182 -16.38 -25.11 21.88
C PRO B 182 -16.63 -26.12 20.77
N GLU B 183 -16.85 -27.37 21.15
CA GLU B 183 -17.02 -28.48 20.22
C GLU B 183 -18.03 -28.20 19.12
N GLU B 184 -19.17 -27.62 19.49
CA GLU B 184 -20.27 -27.40 18.55
C GLU B 184 -19.93 -26.32 17.50
N ASP B 185 -18.92 -25.50 17.79
CA ASP B 185 -18.57 -24.36 16.95
C ASP B 185 -17.28 -24.58 16.15
N ARG B 186 -16.56 -25.65 16.49
CA ARG B 186 -15.18 -25.83 16.05
C ARG B 186 -15.02 -26.05 14.55
N LYS B 187 -15.81 -26.95 13.96
CA LYS B 187 -15.66 -27.28 12.55
C LYS B 187 -15.86 -26.03 11.68
N ARG B 188 -16.92 -25.28 11.96
CA ARG B 188 -17.23 -24.05 11.22
C ARG B 188 -16.19 -22.95 11.45
N ALA B 189 -15.68 -22.84 12.68
CA ALA B 189 -14.66 -21.84 13.00
C ALA B 189 -13.33 -22.13 12.29
N MET B 190 -12.97 -23.41 12.19
CA MET B 190 -11.67 -23.86 11.70
C MET B 190 -11.59 -24.07 10.19
N LYS B 191 -12.71 -23.96 9.49
CA LYS B 191 -12.79 -24.30 8.08
C LYS B 191 -11.80 -23.52 7.20
N TRP B 192 -11.71 -22.20 7.37
CA TRP B 192 -10.79 -21.40 6.56
C TRP B 192 -9.36 -21.90 6.74
N LEU B 193 -8.96 -22.06 8.01
CA LEU B 193 -7.62 -22.58 8.29
C LEU B 193 -7.40 -23.96 7.69
N LYS B 194 -8.37 -24.84 7.87
CA LYS B 194 -8.26 -26.20 7.37
C LYS B 194 -8.11 -26.21 5.84
N MET B 195 -8.83 -25.31 5.14
CA MET B 195 -8.76 -25.26 3.68
C MET B 195 -7.40 -24.80 3.18
N HIS B 196 -6.66 -24.04 3.99
CA HIS B 196 -5.35 -23.55 3.57
C HIS B 196 -4.19 -24.33 4.14
N ALA B 197 -4.41 -25.03 5.24
CA ALA B 197 -3.32 -25.71 5.93
C ALA B 197 -2.97 -27.03 5.25
N GLN B 198 -3.75 -27.48 4.27
CA GLN B 198 -3.54 -28.84 3.76
C GLN B 198 -2.10 -29.20 3.31
N TYR B 199 -1.86 -30.51 3.41
CA TYR B 199 -0.53 -31.14 3.40
C TYR B 199 0.18 -30.94 2.04
N ASP B 200 -0.49 -31.30 0.96
CA ASP B 200 0.14 -31.37 -0.35
C ASP B 200 -0.25 -30.22 -1.28
N ASP B 201 -0.11 -28.95 -0.86
CA ASP B 201 -0.72 -27.88 -1.65
C ASP B 201 0.13 -27.51 -2.86
N ALA B 202 -0.41 -27.94 -3.99
CA ALA B 202 0.19 -27.67 -5.28
C ALA B 202 0.01 -26.22 -5.76
N HIS B 203 -0.94 -25.46 -5.20
N HIS B 203 -0.95 -25.49 -5.19
CA HIS B 203 -1.31 -24.11 -5.70
CA HIS B 203 -1.34 -24.15 -5.67
C HIS B 203 -0.10 -23.21 -5.91
C HIS B 203 -0.11 -23.23 -5.90
N PRO B 204 0.73 -23.00 -4.87
CA PRO B 204 1.89 -22.12 -5.11
C PRO B 204 2.91 -22.66 -6.12
N TRP B 205 3.09 -23.98 -6.16
CA TRP B 205 4.00 -24.61 -7.12
C TRP B 205 3.45 -24.50 -8.55
N GLU B 206 2.13 -24.67 -8.68
CA GLU B 206 1.47 -24.43 -9.97
C GLU B 206 1.67 -22.99 -10.42
N ALA B 207 1.53 -22.04 -9.49
CA ALA B 207 1.79 -20.64 -9.82
C ALA B 207 3.24 -20.43 -10.26
N LEU B 208 4.19 -21.02 -9.54
CA LEU B 208 5.60 -20.91 -9.92
C LEU B 208 5.86 -21.48 -11.32
N GLU B 209 5.29 -22.64 -11.60
CA GLU B 209 5.44 -23.25 -12.92
C GLU B 209 4.94 -22.32 -14.04
N ILE B 210 3.81 -21.64 -13.79
CA ILE B 210 3.30 -20.66 -14.74
C ILE B 210 4.30 -19.51 -14.91
N ILE B 211 4.84 -19.03 -13.79
CA ILE B 211 5.80 -17.92 -13.83
C ILE B 211 7.04 -18.32 -14.62
N VAL B 212 7.54 -19.51 -14.37
CA VAL B 212 8.73 -19.98 -15.08
C VAL B 212 8.44 -20.12 -16.58
N THR B 213 7.26 -20.66 -16.91
CA THR B 213 6.90 -20.85 -18.31
C THR B 213 6.79 -19.51 -19.03
N LEU B 214 6.19 -18.51 -18.37
CA LEU B 214 6.14 -17.16 -18.91
C LEU B 214 7.52 -16.53 -19.10
N ALA B 215 8.42 -16.73 -18.13
CA ALA B 215 9.74 -16.11 -18.16
C ALA B 215 10.69 -16.83 -19.09
N GLY B 216 10.54 -18.16 -19.18
CA GLY B 216 11.40 -19.00 -20.03
C GLY B 216 12.69 -19.41 -19.33
N LEU B 217 13.58 -20.01 -20.11
CA LEU B 217 14.86 -20.51 -19.58
C LEU B 217 15.87 -19.39 -19.36
N ASN B 218 15.73 -18.29 -20.08
CA ASN B 218 16.73 -17.23 -20.07
C ASN B 218 16.16 -15.84 -19.91
N PRO B 219 15.42 -15.60 -18.81
CA PRO B 219 14.91 -14.26 -18.61
C PRO B 219 16.02 -13.27 -18.33
N THR B 220 15.82 -12.01 -18.70
CA THR B 220 16.76 -10.95 -18.38
C THR B 220 16.96 -10.85 -16.88
N LYS B 221 18.12 -10.31 -16.49
CA LYS B 221 18.36 -9.97 -15.07
C LYS B 221 17.31 -8.99 -14.55
N ALA B 222 16.88 -8.05 -15.40
CA ALA B 222 15.87 -7.07 -15.03
C ALA B 222 14.54 -7.73 -14.68
N LEU B 223 14.12 -8.71 -15.48
CA LEU B 223 12.86 -9.41 -15.19
C LEU B 223 13.01 -10.22 -13.92
N GLN B 224 14.15 -10.89 -13.76
CA GLN B 224 14.41 -11.67 -12.54
C GLN B 224 14.36 -10.78 -11.29
N ALA B 225 14.93 -9.58 -11.40
CA ALA B 225 14.87 -8.61 -10.29
C ALA B 225 13.44 -8.13 -10.02
N GLU B 226 12.66 -7.94 -11.07
CA GLU B 226 11.27 -7.52 -10.89
C GLU B 226 10.48 -8.57 -10.13
N LEU B 227 10.72 -9.85 -10.47
CA LEU B 227 10.04 -10.96 -9.78
C LEU B 227 10.46 -11.02 -8.32
N ARG B 228 11.77 -10.94 -8.10
CA ARG B 228 12.30 -11.03 -6.76
C ARG B 228 11.70 -9.93 -5.87
N GLN B 229 11.69 -8.71 -6.40
CA GLN B 229 11.24 -7.56 -5.64
C GLN B 229 9.75 -7.63 -5.35
N ALA B 230 8.98 -8.14 -6.31
CA ALA B 230 7.53 -8.29 -6.11
C ALA B 230 7.22 -9.35 -5.07
N ILE B 231 7.93 -10.47 -5.13
CA ILE B 231 7.71 -11.57 -4.18
C ILE B 231 8.10 -11.12 -2.76
N CYS B 232 9.27 -10.49 -2.65
CA CYS B 232 9.71 -10.01 -1.35
C CYS B 232 8.82 -8.89 -0.79
N LYS B 233 8.28 -8.04 -1.66
CA LYS B 233 7.35 -7.02 -1.23
C LYS B 233 6.10 -7.63 -0.58
N SER B 234 5.53 -8.66 -1.20
CA SER B 234 4.41 -9.36 -0.60
C SER B 234 4.78 -9.90 0.79
N TYR B 235 5.88 -10.62 0.87
CA TYR B 235 6.31 -11.12 2.18
C TYR B 235 6.53 -9.98 3.19
N ASP B 236 7.19 -8.91 2.74
CA ASP B 236 7.51 -7.77 3.61
C ASP B 236 6.27 -7.06 4.13
N TYR B 237 5.22 -6.98 3.30
CA TYR B 237 3.97 -6.42 3.80
C TYR B 237 3.20 -7.33 4.75
N MET B 238 3.31 -8.64 4.55
CA MET B 238 2.84 -9.58 5.57
C MET B 238 3.64 -9.40 6.87
N TYR B 239 4.95 -9.21 6.77
CA TYR B 239 5.79 -8.96 7.97
C TYR B 239 5.42 -7.67 8.68
N LEU B 240 5.22 -6.59 7.90
CA LEU B 240 4.81 -5.32 8.47
C LEU B 240 3.50 -5.45 9.26
N PHE B 241 2.54 -6.19 8.69
CA PHE B 241 1.24 -6.47 9.32
C PHE B 241 1.45 -7.18 10.67
N LEU B 242 2.25 -8.24 10.64
CA LEU B 242 2.48 -9.08 11.81
C LEU B 242 3.22 -8.34 12.92
N GLU B 243 4.21 -7.56 12.51
CA GLU B 243 4.94 -6.74 13.46
C GLU B 243 4.02 -5.76 14.18
N ARG B 244 3.11 -5.14 13.44
CA ARG B 244 2.22 -4.16 14.04
C ARG B 244 1.22 -4.81 15.00
N CYS B 245 0.74 -5.99 14.61
CA CYS B 245 -0.10 -6.80 15.50
C CYS B 245 0.61 -7.11 16.81
N MET B 246 1.89 -7.50 16.73
CA MET B 246 2.67 -7.90 17.92
C MET B 246 3.05 -6.72 18.81
N GLN B 247 3.14 -5.53 18.24
CA GLN B 247 3.38 -4.33 19.03
C GLN B 247 2.19 -4.16 19.97
N GLN B 248 0.99 -4.42 19.47
CA GLN B 248 -0.24 -4.37 20.26
C GLN B 248 -0.29 -5.46 21.32
N GLU B 249 0.24 -6.64 21.01
CA GLU B 249 0.27 -7.77 21.95
C GLU B 249 1.19 -7.46 23.13
N LYS B 250 2.36 -6.93 22.82
CA LYS B 250 3.34 -6.60 23.86
C LYS B 250 2.88 -5.39 24.67
N THR B 251 2.31 -4.41 23.99
CA THR B 251 1.65 -3.28 24.63
C THR B 251 0.47 -3.69 25.52
N ALA B 252 -0.39 -4.57 25.00
CA ALA B 252 -1.57 -5.02 25.75
C ALA B 252 -1.16 -5.81 26.99
N VAL B 253 -0.18 -6.70 26.84
CA VAL B 253 0.34 -7.53 27.96
C VAL B 253 0.85 -6.68 29.15
N THR B 254 1.57 -5.59 28.86
CA THR B 254 1.88 -4.59 29.90
C THR B 254 0.58 -4.02 30.51
N ARG B 255 -0.45 -3.81 29.69
CA ARG B 255 -1.76 -3.43 30.26
C ARG B 255 -2.49 -4.61 30.94
N GLU B 256 -2.16 -5.85 30.57
CA GLU B 256 -2.65 -7.03 31.30
C GLU B 256 -2.00 -7.11 32.67
N ARG B 257 -0.76 -6.59 32.78
CA ARG B 257 0.03 -6.60 34.02
C ARG B 257 -0.29 -5.42 34.96
N LEU B 258 -0.40 -4.22 34.42
CA LEU B 258 -0.63 -3.00 35.22
C LEU B 258 -2.10 -2.77 35.63
N ALA B 259 -3.05 -3.04 34.73
CA ALA B 259 -4.47 -2.73 34.96
C ALA B 259 -5.13 -3.74 35.90
FE FE C . 3.51 18.85 -8.25
C11 HXD D . 5.90 12.00 1.33
C10 HXD D . 6.71 11.73 0.10
C12 HXD D . 6.50 11.43 2.60
C9 HXD D . 5.80 11.88 -1.13
C8 HXD D . 5.59 13.32 -1.56
C7 HXD D . 4.79 13.34 -2.88
C6 HXD D . 4.37 14.75 -3.29
C5 HXD D . 3.61 14.78 -4.59
C4 HXD D . 3.42 16.20 -5.08
C3 HXD D . 2.68 16.26 -6.41
O8 HXD D . 2.39 17.61 -6.70
C2 HXD D . 3.47 15.66 -7.57
C1 HXD D . 4.81 16.31 -7.78
O1 HXD D . 4.84 17.43 -8.26
O HXD D . 5.86 15.73 -7.43
O1 PER E . 2.16 20.59 -8.05
O2 PER E . 1.29 19.49 -7.74
S SO4 F . -13.34 26.94 -15.34
O1 SO4 F . -12.29 25.89 -15.37
O2 SO4 F . -13.05 27.92 -14.27
O3 SO4 F . -14.61 26.29 -15.05
O4 SO4 F . -13.38 27.69 -16.60
S SO4 G . 5.23 25.00 -16.44
O1 SO4 G . 6.56 24.55 -15.96
O2 SO4 G . 4.96 26.31 -15.81
O3 SO4 G . 5.21 25.09 -17.91
O4 SO4 G . 4.18 24.04 -16.01
S SO4 H . -26.92 8.80 7.17
O1 SO4 H . -25.91 7.78 6.82
O2 SO4 H . -27.23 8.71 8.62
O3 SO4 H . -26.38 10.13 6.84
O4 SO4 H . -28.16 8.57 6.37
S SO4 I . 22.42 10.68 -13.74
O1 SO4 I . 23.05 9.57 -14.50
O2 SO4 I . 23.20 10.98 -12.52
O3 SO4 I . 22.39 11.89 -14.61
O4 SO4 I . 21.01 10.31 -13.42
FE FE J . -8.24 -19.24 -0.35
C11 HXD K . -1.34 -11.60 6.28
C10 HXD K . -2.78 -12.06 6.44
C12 HXD K . -0.59 -11.45 7.57
C9 HXD K . -3.48 -12.15 5.08
C8 HXD K . -3.84 -13.57 4.69
C7 HXD K . -4.39 -13.59 3.27
C6 HXD K . -4.57 -14.99 2.74
C5 HXD K . -5.19 -15.07 1.36
C4 HXD K . -5.45 -16.54 0.99
C3 HXD K . -6.27 -16.70 -0.29
O8 HXD K . -6.33 -18.09 -0.61
C2 HXD K . -7.68 -16.11 -0.21
C1 HXD K . -8.52 -16.71 0.90
O1 HXD K . -8.94 -17.87 0.82
O HXD K . -8.78 -16.03 1.89
O1 PER L . -7.28 -20.74 -1.32
O2 PER L . -6.33 -20.01 -2.13
S SO4 M . -5.85 -28.29 -17.96
O1 SO4 M . -4.96 -27.69 -18.96
O2 SO4 M . -5.08 -29.23 -17.11
O3 SO4 M . -6.44 -27.23 -17.10
O4 SO4 M . -6.94 -29.05 -18.63
S SO4 N . -16.29 -25.55 -2.76
O1 SO4 N . -15.41 -24.49 -3.31
O2 SO4 N . -15.57 -26.84 -2.75
O3 SO4 N . -17.49 -25.68 -3.62
O4 SO4 N . -16.70 -25.20 -1.37
S SO4 O . 20.53 -9.27 -19.02
O1 SO4 O . 21.08 -10.61 -18.72
O2 SO4 O . 21.51 -8.20 -18.66
O3 SO4 O . 20.18 -9.18 -20.46
O4 SO4 O . 19.33 -9.07 -18.19
S SO4 P . -22.96 -10.91 12.58
O1 SO4 P . -21.67 -10.84 11.86
O2 SO4 P . -22.89 -11.92 13.65
O3 SO4 P . -23.29 -9.60 13.17
O4 SO4 P . -24.04 -11.30 11.64
#